data_6VCS
#
_entry.id   6VCS
#
_cell.length_a   51.995
_cell.length_b   113.809
_cell.length_c   133.946
_cell.angle_alpha   90.000
_cell.angle_beta   90.000
_cell.angle_gamma   90.000
#
_symmetry.space_group_name_H-M   'P 21 21 21'
#
loop_
_entity.id
_entity.type
_entity.pdbx_description
1 polymer 'E3 ubiquitin-protein ligase UHRF1'
2 polymer "DNA (5'-D(*GP*CP*CP*TP*GP*TP*AP*CP*AP*GP*GP*C)-3')"
3 polymer UNK-UNK-UNK-UNK
4 non-polymer 'UNKNOWN ATOM OR ION'
5 water water
#
loop_
_entity_poly.entity_id
_entity_poly.type
_entity_poly.pdbx_seq_one_letter_code
_entity_poly.pdbx_strand_id
1 'polypeptide(L)'
;MPSNHYGPIPGIPVGTMWRFRVQVSESGVHRPHVAGIHGRSNDGAYSLVLAGGYEDDVDHGNFFTYTGSGGRDLSGNKRT
AEQSCDQKLTNTNRALALNCFAPINDQEGAEAKDWRSGKPVRVVRNVKGGKNSKYAPAEGNRYDGIYKVVKYWPEKGKSG
FLVWRYLLRRDDDEPGPWTKEGKDRIKKLGLTMQYPEGYLEALANHHHHHH
;
A,B,E
2 'polydeoxyribonucleotide' (DG)(DC)(DC)(DT)(DG)(DT)(DA)(DC)(DA)(DG)(DG)(DC) C,D
3 'polypeptide(L)' (UNK)(UNK)(UNK)(UNK)(UNK)(UNK) G
#
# COMPACT_ATOMS: atom_id res chain seq x y z
N PRO A 2 -15.53 11.61 2.78
CA PRO A 2 -14.10 11.27 2.80
C PRO A 2 -13.67 10.84 4.18
N SER A 3 -12.41 10.39 4.27
CA SER A 3 -11.89 9.85 5.52
C SER A 3 -12.10 10.78 6.69
N ASN A 4 -11.89 12.08 6.49
CA ASN A 4 -11.89 13.02 7.60
C ASN A 4 -13.16 13.85 7.71
N HIS A 5 -14.27 13.32 7.22
CA HIS A 5 -15.55 14.02 7.32
C HIS A 5 -16.04 14.00 8.77
N TYR A 6 -16.37 15.17 9.31
CA TYR A 6 -17.04 15.27 10.61
C TYR A 6 -18.54 15.35 10.43
N GLY A 7 -19.27 14.70 11.34
CA GLY A 7 -20.71 14.89 11.43
C GLY A 7 -21.51 13.87 10.66
N PRO A 8 -22.83 14.07 10.60
CA PRO A 8 -23.72 13.10 9.94
C PRO A 8 -23.42 12.93 8.45
N ILE A 9 -23.71 11.74 7.94
CA ILE A 9 -23.58 11.43 6.50
C ILE A 9 -24.92 11.74 5.85
N PRO A 10 -24.96 12.52 4.75
CA PRO A 10 -26.26 12.80 4.11
C PRO A 10 -26.97 11.52 3.73
N GLY A 11 -28.27 11.49 3.98
CA GLY A 11 -29.07 10.34 3.59
C GLY A 11 -29.01 9.16 4.55
N ILE A 12 -28.29 9.28 5.66
CA ILE A 12 -28.20 8.19 6.63
C ILE A 12 -28.77 8.68 7.95
N PRO A 13 -30.04 8.42 8.21
CA PRO A 13 -30.66 8.85 9.47
C PRO A 13 -30.22 8.01 10.65
N VAL A 14 -30.39 8.60 11.84
CA VAL A 14 -30.36 7.83 13.06
C VAL A 14 -31.31 6.66 12.92
N GLY A 15 -30.87 5.47 13.36
CA GLY A 15 -31.68 4.28 13.22
C GLY A 15 -31.31 3.39 12.05
N THR A 16 -30.49 3.89 11.12
CA THR A 16 -30.03 3.05 10.01
C THR A 16 -29.30 1.83 10.55
N MET A 17 -29.53 0.69 9.92
CA MET A 17 -29.02 -0.59 10.42
C MET A 17 -28.27 -1.30 9.31
N TRP A 18 -27.09 -1.85 9.62
CA TRP A 18 -26.35 -2.68 8.68
C TRP A 18 -25.92 -3.98 9.37
N ARG A 19 -25.98 -5.09 8.63
CA ARG A 19 -25.64 -6.37 9.24
C ARG A 19 -24.12 -6.51 9.46
N PHE A 20 -23.29 -6.06 8.52
CA PHE A 20 -21.86 -6.32 8.58
C PHE A 20 -21.06 -5.02 8.58
N ARG A 21 -19.88 -5.09 9.20
CA ARG A 21 -19.07 -3.87 9.38
C ARG A 21 -18.62 -3.29 8.05
N VAL A 22 -18.47 -4.12 7.02
CA VAL A 22 -18.01 -3.57 5.75
C VAL A 22 -19.07 -2.64 5.18
N GLN A 23 -20.35 -2.94 5.40
CA GLN A 23 -21.42 -2.04 4.96
C GLN A 23 -21.39 -0.73 5.72
N VAL A 24 -21.13 -0.78 7.04
CA VAL A 24 -21.02 0.45 7.82
C VAL A 24 -19.88 1.30 7.30
N SER A 25 -18.79 0.64 6.88
CA SER A 25 -17.64 1.38 6.36
C SER A 25 -17.94 1.99 4.99
N GLU A 26 -18.52 1.20 4.08
CA GLU A 26 -18.82 1.73 2.75
C GLU A 26 -19.76 2.93 2.79
N SER A 27 -20.66 2.96 3.76
CA SER A 27 -21.60 4.08 3.92
C SER A 27 -20.91 5.35 4.39
N GLY A 28 -19.67 5.25 4.87
CA GLY A 28 -18.96 6.38 5.44
C GLY A 28 -19.22 6.62 6.92
N VAL A 29 -20.16 5.90 7.54
CA VAL A 29 -20.52 6.18 8.92
C VAL A 29 -19.39 5.81 9.87
N HIS A 30 -18.82 4.62 9.69
CA HIS A 30 -17.64 4.21 10.45
C HIS A 30 -16.71 3.43 9.53
N ARG A 31 -15.66 4.09 9.07
CA ARG A 31 -14.84 3.55 7.99
C ARG A 31 -13.95 2.37 8.39
N PRO A 32 -13.32 2.31 9.57
CA PRO A 32 -12.48 1.14 9.86
C PRO A 32 -13.31 -0.13 10.00
N HIS A 33 -12.83 -1.21 9.37
CA HIS A 33 -13.60 -2.46 9.39
C HIS A 33 -13.54 -3.14 10.75
N VAL A 34 -12.46 -2.93 11.51
CA VAL A 34 -12.21 -3.65 12.75
C VAL A 34 -12.05 -2.70 13.92
N ALA A 35 -11.18 -1.69 13.78
CA ALA A 35 -10.92 -0.77 14.87
C ALA A 35 -12.20 -0.12 15.34
N GLY A 36 -12.31 0.09 16.66
CA GLY A 36 -13.51 0.65 17.26
C GLY A 36 -13.66 2.14 17.16
N ILE A 37 -12.65 2.83 16.63
CA ILE A 37 -12.66 4.28 16.58
C ILE A 37 -11.90 4.71 15.33
N HIS A 38 -12.36 5.80 14.73
CA HIS A 38 -11.71 6.38 13.57
C HIS A 38 -11.32 7.82 13.89
N GLY A 39 -10.04 8.12 13.81
CA GLY A 39 -9.63 9.51 13.96
C GLY A 39 -8.19 9.67 13.56
N ARG A 40 -7.80 10.93 13.39
CA ARG A 40 -6.41 11.28 13.14
C ARG A 40 -5.87 12.02 14.35
N SER A 41 -4.68 11.63 14.78
CA SER A 41 -4.17 11.98 16.09
C SER A 41 -3.97 13.48 16.27
N ASN A 42 -3.71 14.21 15.18
CA ASN A 42 -3.53 15.65 15.27
CA ASN A 42 -3.50 15.66 15.20
C ASN A 42 -4.73 16.44 14.74
N ASP A 43 -5.81 15.76 14.38
CA ASP A 43 -7.05 16.41 13.92
C ASP A 43 -8.20 16.16 14.88
N GLY A 44 -8.71 14.94 14.97
CA GLY A 44 -9.91 14.68 15.75
C GLY A 44 -10.44 13.30 15.41
N ALA A 45 -11.50 12.92 16.13
CA ALA A 45 -12.17 11.64 15.93
C ALA A 45 -13.48 11.86 15.18
N TYR A 46 -13.77 10.96 14.25
CA TYR A 46 -14.96 11.10 13.43
C TYR A 46 -16.09 10.16 13.81
N SER A 47 -15.78 8.98 14.34
CA SER A 47 -16.80 7.98 14.63
C SER A 47 -16.24 6.94 15.57
N LEU A 48 -17.13 6.25 16.28
CA LEU A 48 -16.71 5.14 17.11
C LEU A 48 -17.83 4.11 17.15
N VAL A 49 -17.45 2.87 17.45
CA VAL A 49 -18.40 1.75 17.51
C VAL A 49 -18.37 1.20 18.91
N LEU A 50 -19.55 1.09 19.52
CA LEU A 50 -19.68 0.54 20.86
C LEU A 50 -20.00 -0.95 20.73
N ALA A 51 -19.06 -1.81 21.12
CA ALA A 51 -19.23 -3.24 20.89
C ALA A 51 -18.89 -4.07 22.12
N GLY A 52 -18.98 -3.48 23.32
CA GLY A 52 -18.58 -4.16 24.53
C GLY A 52 -17.08 -4.12 24.75
N GLY A 53 -16.60 -4.93 25.67
CA GLY A 53 -15.17 -5.03 25.82
C GLY A 53 -14.62 -4.56 27.15
N TYR A 54 -14.85 -3.30 27.51
CA TYR A 54 -14.37 -2.78 28.79
CA TYR A 54 -14.36 -2.76 28.78
C TYR A 54 -15.53 -2.77 29.77
N GLU A 55 -15.41 -3.61 30.81
CA GLU A 55 -16.51 -3.82 31.75
C GLU A 55 -16.90 -2.56 32.50
N ASP A 56 -15.94 -1.65 32.77
CA ASP A 56 -16.31 -0.45 33.51
C ASP A 56 -17.00 0.60 32.65
N ASP A 57 -17.16 0.37 31.36
CA ASP A 57 -17.93 1.31 30.56
C ASP A 57 -19.40 1.16 30.89
N VAL A 58 -20.11 2.29 30.93
CA VAL A 58 -21.53 2.35 31.29
C VAL A 58 -22.26 3.09 30.18
N ASP A 59 -23.33 2.49 29.66
CA ASP A 59 -24.06 3.03 28.53
C ASP A 59 -25.47 3.39 29.00
N HIS A 60 -25.79 4.69 28.99
CA HIS A 60 -27.16 5.10 29.28
C HIS A 60 -27.87 5.70 28.06
N GLY A 61 -27.41 5.38 26.85
CA GLY A 61 -28.07 5.75 25.60
C GLY A 61 -27.74 7.17 25.20
N ASN A 62 -28.33 8.12 25.91
CA ASN A 62 -28.03 9.52 25.66
C ASN A 62 -26.64 9.91 26.10
N PHE A 63 -25.94 9.09 26.87
CA PHE A 63 -24.56 9.38 27.22
C PHE A 63 -23.94 8.07 27.71
N PHE A 64 -22.61 8.03 27.67
CA PHE A 64 -21.94 6.79 28.06
C PHE A 64 -20.50 7.11 28.41
N THR A 65 -19.92 6.31 29.30
CA THR A 65 -18.49 6.36 29.52
C THR A 65 -17.81 5.39 28.57
N TYR A 66 -16.56 5.69 28.25
CA TYR A 66 -15.86 5.07 27.14
C TYR A 66 -14.41 4.93 27.55
N THR A 67 -13.71 3.95 26.98
CA THR A 67 -12.31 3.70 27.33
C THR A 67 -11.46 3.67 26.08
N GLY A 68 -10.30 4.30 26.15
CA GLY A 68 -9.38 4.32 25.03
C GLY A 68 -8.71 2.97 24.78
N SER A 69 -7.71 3.00 23.90
CA SER A 69 -7.05 1.78 23.45
C SER A 69 -5.59 1.72 23.88
N GLY A 70 -5.06 0.50 23.86
CA GLY A 70 -3.63 0.27 24.12
C GLY A 70 -2.85 0.49 22.83
N GLY A 71 -1.71 -0.18 22.71
CA GLY A 71 -0.93 -0.09 21.49
N GLN A 83 -4.58 -6.03 29.23
CA GLN A 83 -3.71 -4.86 29.26
C GLN A 83 -2.45 -5.14 30.07
N SER A 84 -1.30 -4.70 29.55
CA SER A 84 -0.02 -4.92 30.22
C SER A 84 0.91 -3.72 30.08
N CYS A 85 0.34 -2.54 29.88
CA CYS A 85 1.06 -1.31 29.55
C CYS A 85 0.10 -0.14 29.74
N ASP A 86 0.60 0.96 30.28
CA ASP A 86 -0.24 2.15 30.42
C ASP A 86 -0.74 2.58 29.06
N GLN A 87 -1.98 3.04 29.00
CA GLN A 87 -2.42 3.74 27.81
C GLN A 87 -1.78 5.14 27.76
N LYS A 88 -1.76 5.71 26.54
CA LYS A 88 -1.17 7.03 26.29
C LYS A 88 -2.17 7.87 25.51
N LEU A 89 -2.11 9.19 25.70
CA LEU A 89 -2.96 10.11 24.94
C LEU A 89 -2.29 10.42 23.60
N THR A 90 -2.22 9.38 22.78
CA THR A 90 -1.67 9.44 21.44
C THR A 90 -2.67 8.75 20.53
N ASN A 91 -2.36 8.72 19.23
CA ASN A 91 -3.13 8.03 18.18
CA ASN A 91 -3.14 7.95 18.28
C ASN A 91 -4.62 8.32 18.38
N THR A 92 -5.49 7.31 18.36
CA THR A 92 -6.92 7.62 18.39
C THR A 92 -7.38 8.11 19.77
N ASN A 93 -6.70 7.70 20.85
CA ASN A 93 -7.00 8.31 22.15
C ASN A 93 -6.83 9.83 22.08
N ARG A 94 -5.74 10.29 21.46
CA ARG A 94 -5.54 11.73 21.34
C ARG A 94 -6.58 12.36 20.43
N ALA A 95 -6.90 11.69 19.32
CA ALA A 95 -7.92 12.20 18.41
C ALA A 95 -9.24 12.49 19.13
N LEU A 96 -9.70 11.53 19.94
CA LEU A 96 -10.98 11.71 20.63
C LEU A 96 -10.89 12.84 21.66
N ALA A 97 -9.74 12.96 22.33
CA ALA A 97 -9.54 14.07 23.27
C ALA A 97 -9.59 15.41 22.54
N LEU A 98 -9.08 15.46 21.31
CA LEU A 98 -9.09 16.71 20.57
C LEU A 98 -10.53 17.20 20.31
N ASN A 99 -11.48 16.27 20.21
CA ASN A 99 -12.88 16.67 19.98
C ASN A 99 -13.44 17.48 21.15
N CYS A 100 -12.93 17.26 22.36
CA CYS A 100 -13.42 17.97 23.52
C CYS A 100 -13.11 19.46 23.36
N PHE A 101 -14.10 20.31 23.62
CA PHE A 101 -13.91 21.75 23.44
C PHE A 101 -13.14 22.31 24.64
N ALA A 102 -11.87 21.91 24.71
CA ALA A 102 -10.95 22.24 25.79
C ALA A 102 -9.54 22.03 25.27
N PRO A 103 -8.55 22.75 25.80
CA PRO A 103 -7.15 22.48 25.43
C PRO A 103 -6.74 21.07 25.81
N ILE A 104 -5.93 20.44 24.96
CA ILE A 104 -5.39 19.12 25.28
C ILE A 104 -4.64 19.18 26.59
N ASN A 105 -4.89 18.21 27.46
CA ASN A 105 -4.12 18.02 28.68
C ASN A 105 -3.91 16.53 28.83
N ASP A 106 -2.68 16.06 28.61
CA ASP A 106 -2.40 14.64 28.73
C ASP A 106 -1.92 14.25 30.12
N GLN A 107 -2.05 15.14 31.10
CA GLN A 107 -1.71 14.84 32.48
C GLN A 107 -2.95 14.52 33.32
N GLU A 108 -3.89 15.46 33.37
CA GLU A 108 -5.09 15.33 34.16
C GLU A 108 -6.35 15.11 33.33
N GLY A 109 -6.25 15.19 32.01
CA GLY A 109 -7.44 15.23 31.19
C GLY A 109 -7.99 16.64 31.15
N ALA A 110 -9.22 16.77 30.65
CA ALA A 110 -9.85 18.09 30.54
C ALA A 110 -11.36 17.91 30.46
N GLU A 111 -12.08 19.00 30.67
CA GLU A 111 -13.53 19.00 30.59
C GLU A 111 -13.96 20.28 29.90
N ALA A 112 -14.90 20.14 28.96
CA ALA A 112 -15.44 21.28 28.23
C ALA A 112 -16.72 21.74 28.93
N LYS A 113 -16.67 22.94 29.52
CA LYS A 113 -17.90 23.54 30.02
C LYS A 113 -18.92 23.75 28.91
N ASP A 114 -18.46 24.22 27.75
CA ASP A 114 -19.30 24.39 26.57
C ASP A 114 -19.13 23.18 25.65
N TRP A 115 -19.59 22.03 26.14
CA TRP A 115 -19.29 20.76 25.48
C TRP A 115 -19.95 20.64 24.11
N ARG A 116 -21.11 21.28 23.89
CA ARG A 116 -21.76 21.19 22.58
C ARG A 116 -20.95 21.86 21.47
N SER A 117 -20.04 22.76 21.82
CA SER A 117 -19.25 23.41 20.79
C SER A 117 -18.10 22.55 20.27
N GLY A 118 -17.87 21.39 20.87
CA GLY A 118 -16.80 20.50 20.46
C GLY A 118 -17.10 19.79 19.15
N LYS A 119 -16.15 18.93 18.73
CA LYS A 119 -16.30 18.26 17.44
C LYS A 119 -17.23 17.06 17.57
N PRO A 120 -18.07 16.82 16.57
CA PRO A 120 -19.03 15.71 16.64
C PRO A 120 -18.40 14.34 16.42
N VAL A 121 -18.97 13.33 17.09
CA VAL A 121 -18.60 11.93 16.91
C VAL A 121 -19.84 11.15 16.47
N ARG A 122 -19.75 10.49 15.31
CA ARG A 122 -20.80 9.56 14.92
C ARG A 122 -20.69 8.30 15.78
N VAL A 123 -21.79 7.86 16.40
CA VAL A 123 -21.73 6.69 17.26
C VAL A 123 -22.58 5.59 16.68
N VAL A 124 -21.98 4.41 16.50
CA VAL A 124 -22.68 3.19 16.09
C VAL A 124 -22.68 2.23 17.27
N ARG A 125 -23.81 1.59 17.53
CA ARG A 125 -23.85 0.51 18.52
C ARG A 125 -23.94 -0.83 17.80
N ASN A 126 -23.11 -1.78 18.24
CA ASN A 126 -23.02 -3.09 17.65
C ASN A 126 -23.66 -4.11 18.59
N VAL A 127 -24.16 -5.21 18.01
CA VAL A 127 -24.87 -6.24 18.78
C VAL A 127 -24.01 -6.80 19.91
N LYS A 128 -22.69 -6.84 19.74
CA LYS A 128 -21.84 -7.41 20.79
C LYS A 128 -21.84 -6.58 22.05
N GLY A 129 -22.30 -5.33 21.99
CA GLY A 129 -22.42 -4.54 23.19
C GLY A 129 -23.55 -4.96 24.10
N GLY A 130 -24.39 -5.91 23.67
CA GLY A 130 -25.58 -6.24 24.43
C GLY A 130 -25.31 -6.87 25.77
N LYS A 131 -24.15 -7.52 25.93
CA LYS A 131 -23.85 -8.12 27.22
C LYS A 131 -23.69 -7.05 28.30
N ASN A 132 -23.29 -5.84 27.93
CA ASN A 132 -23.02 -4.78 28.89
CA ASN A 132 -23.03 -4.79 28.90
C ASN A 132 -23.85 -3.53 28.66
N SER A 133 -24.88 -3.59 27.81
CA SER A 133 -25.69 -2.41 27.53
C SER A 133 -27.07 -2.82 27.04
N LYS A 134 -28.12 -2.25 27.63
CA LYS A 134 -29.45 -2.53 27.10
C LYS A 134 -29.76 -1.72 25.85
N TYR A 135 -28.83 -0.87 25.40
CA TYR A 135 -29.05 -0.06 24.22
C TYR A 135 -28.49 -0.65 22.93
N ALA A 136 -27.73 -1.74 23.01
CA ALA A 136 -27.19 -2.35 21.79
C ALA A 136 -28.34 -2.94 20.97
N PRO A 137 -28.23 -2.91 19.65
CA PRO A 137 -29.24 -3.58 18.81
C PRO A 137 -29.21 -5.08 18.99
N ALA A 138 -30.32 -5.73 18.64
CA ALA A 138 -30.41 -7.18 18.72
C ALA A 138 -29.64 -7.87 17.61
N GLU A 139 -29.26 -7.16 16.56
CA GLU A 139 -28.59 -7.70 15.39
C GLU A 139 -27.74 -6.61 14.76
N GLY A 140 -26.54 -6.96 14.31
CA GLY A 140 -25.81 -6.05 13.43
C GLY A 140 -25.38 -4.77 14.11
N ASN A 141 -25.47 -3.67 13.34
CA ASN A 141 -24.92 -2.37 13.69
C ASN A 141 -25.99 -1.30 13.49
N ARG A 142 -26.07 -0.34 14.40
CA ARG A 142 -27.08 0.72 14.30
C ARG A 142 -26.43 2.09 14.51
N TYR A 143 -26.71 3.02 13.60
CA TYR A 143 -26.25 4.41 13.74
C TYR A 143 -27.15 5.15 14.72
N ASP A 144 -26.59 5.61 15.85
CA ASP A 144 -27.38 6.22 16.89
C ASP A 144 -27.17 7.73 16.98
N GLY A 145 -26.39 8.31 16.09
CA GLY A 145 -26.34 9.76 15.92
C GLY A 145 -25.07 10.39 16.47
N ILE A 146 -25.16 11.71 16.71
CA ILE A 146 -24.01 12.55 17.03
C ILE A 146 -23.82 12.69 18.53
N TYR A 147 -22.59 12.45 19.00
CA TYR A 147 -22.22 12.64 20.40
C TYR A 147 -21.04 13.59 20.46
N LYS A 148 -20.83 14.16 21.64
CA LYS A 148 -19.76 15.12 21.91
C LYS A 148 -19.00 14.66 23.15
N VAL A 149 -17.70 14.92 23.18
CA VAL A 149 -16.87 14.56 24.33
C VAL A 149 -17.02 15.62 25.41
N VAL A 150 -17.63 15.25 26.55
CA VAL A 150 -17.74 16.20 27.66
C VAL A 150 -16.43 16.35 28.38
N LYS A 151 -15.77 15.22 28.67
CA LYS A 151 -14.55 15.24 29.46
C LYS A 151 -13.81 13.94 29.24
N TYR A 152 -12.53 13.94 29.59
CA TYR A 152 -11.71 12.73 29.51
C TYR A 152 -10.67 12.80 30.63
N TRP A 153 -10.22 11.62 31.09
CA TRP A 153 -9.33 11.59 32.25
C TRP A 153 -8.61 10.25 32.28
N PRO A 154 -7.43 10.20 32.88
CA PRO A 154 -6.79 8.91 33.15
C PRO A 154 -7.17 8.38 34.52
N GLU A 155 -7.10 7.05 34.64
CA GLU A 155 -7.34 6.40 35.92
C GLU A 155 -6.67 5.05 35.87
N LYS A 156 -6.42 4.51 37.06
CA LYS A 156 -5.86 3.16 37.20
C LYS A 156 -6.90 2.16 36.72
N GLY A 157 -6.59 1.46 35.64
CA GLY A 157 -7.48 0.44 35.11
C GLY A 157 -7.64 -0.73 36.06
N LYS A 158 -8.39 -1.72 35.58
CA LYS A 158 -8.67 -2.91 36.39
C LYS A 158 -7.41 -3.72 36.64
N SER A 159 -6.43 -3.63 35.74
CA SER A 159 -5.19 -4.37 35.84
C SER A 159 -4.08 -3.57 36.50
N GLY A 160 -4.39 -2.38 37.03
CA GLY A 160 -3.37 -1.56 37.65
C GLY A 160 -2.59 -0.70 36.70
N PHE A 161 -2.86 -0.77 35.40
CA PHE A 161 -2.21 0.13 34.45
C PHE A 161 -3.17 1.26 34.09
N LEU A 162 -2.61 2.35 33.59
CA LEU A 162 -3.39 3.54 33.30
C LEU A 162 -4.26 3.31 32.07
N VAL A 163 -5.52 3.74 32.14
CA VAL A 163 -6.40 3.78 30.98
C VAL A 163 -6.92 5.21 30.83
N TRP A 164 -7.18 5.59 29.58
CA TRP A 164 -7.86 6.85 29.30
C TRP A 164 -9.36 6.60 29.18
N ARG A 165 -10.14 7.44 29.84
CA ARG A 165 -11.60 7.33 29.88
C ARG A 165 -12.20 8.59 29.31
N TYR A 166 -13.42 8.47 28.79
CA TYR A 166 -14.10 9.57 28.12
C TYR A 166 -15.57 9.53 28.53
N LEU A 167 -16.18 10.70 28.64
CA LEU A 167 -17.63 10.82 28.78
C LEU A 167 -18.17 11.43 27.51
N LEU A 168 -19.08 10.73 26.85
CA LEU A 168 -19.71 11.21 25.62
C LEU A 168 -21.18 11.45 25.87
N ARG A 169 -21.72 12.53 25.32
CA ARG A 169 -23.09 12.94 25.53
C ARG A 169 -23.75 13.26 24.19
N ARG A 170 -25.00 12.84 24.04
CA ARG A 170 -25.67 12.95 22.73
C ARG A 170 -26.06 14.39 22.47
N ASP A 171 -25.84 14.83 21.21
CA ASP A 171 -26.15 16.20 20.76
C ASP A 171 -26.72 16.05 19.35
N ASP A 172 -27.99 15.66 19.28
CA ASP A 172 -28.58 15.28 18.01
C ASP A 172 -30.09 15.49 18.14
N ASP A 173 -30.69 16.15 17.15
CA ASP A 173 -32.13 16.38 17.20
CA ASP A 173 -32.13 16.39 17.18
C ASP A 173 -32.94 15.23 16.61
N GLU A 174 -32.29 14.25 16.00
CA GLU A 174 -33.02 13.05 15.61
C GLU A 174 -33.24 12.19 16.84
N PRO A 175 -34.47 11.79 17.14
CA PRO A 175 -34.73 11.12 18.41
C PRO A 175 -34.06 9.75 18.48
N GLY A 176 -33.62 9.39 19.70
CA GLY A 176 -32.93 8.15 19.91
C GLY A 176 -33.79 6.94 19.60
N PRO A 177 -33.17 5.86 19.12
CA PRO A 177 -33.93 4.62 18.85
C PRO A 177 -34.52 3.96 20.09
N TRP A 178 -34.07 4.31 21.29
CA TRP A 178 -34.66 3.78 22.52
C TRP A 178 -35.88 4.57 22.98
N THR A 179 -36.30 5.60 22.25
CA THR A 179 -37.47 6.36 22.62
C THR A 179 -38.66 5.95 21.75
N LYS A 180 -39.86 6.08 22.31
CA LYS A 180 -41.05 5.79 21.51
C LYS A 180 -41.05 6.62 20.24
N GLU A 181 -40.76 7.91 20.35
CA GLU A 181 -40.82 8.77 19.17
C GLU A 181 -39.72 8.41 18.18
N GLY A 182 -38.56 7.95 18.65
CA GLY A 182 -37.51 7.51 17.75
C GLY A 182 -37.87 6.23 17.02
N LYS A 183 -38.48 5.28 17.73
CA LYS A 183 -38.98 4.07 17.08
C LYS A 183 -40.07 4.40 16.06
N ASP A 184 -41.02 5.26 16.43
CA ASP A 184 -42.09 5.61 15.51
C ASP A 184 -41.53 6.25 14.26
N ARG A 185 -40.52 7.11 14.39
CA ARG A 185 -39.97 7.78 13.23
C ARG A 185 -39.23 6.79 12.32
N ILE A 186 -38.50 5.86 12.93
CA ILE A 186 -37.78 4.83 12.19
C ILE A 186 -38.75 3.99 11.37
N LYS A 187 -39.91 3.66 11.95
CA LYS A 187 -40.91 2.92 11.20
C LYS A 187 -41.45 3.75 10.02
N LYS A 188 -41.78 5.02 10.26
CA LYS A 188 -42.33 5.85 9.18
C LYS A 188 -41.32 6.05 8.05
N LEU A 189 -40.03 6.13 8.38
CA LEU A 189 -38.99 6.24 7.36
C LEU A 189 -38.73 4.91 6.65
N GLY A 190 -39.31 3.82 7.14
CA GLY A 190 -39.16 2.55 6.47
C GLY A 190 -37.80 1.91 6.61
N LEU A 191 -37.04 2.22 7.67
CA LEU A 191 -35.68 1.71 7.79
C LEU A 191 -35.70 0.23 8.12
N THR A 192 -34.87 -0.56 7.42
CA THR A 192 -34.77 -1.99 7.64
C THR A 192 -33.31 -2.40 7.65
N MET A 193 -33.03 -3.54 8.31
CA MET A 193 -31.68 -4.09 8.29
C MET A 193 -31.19 -4.27 6.86
N GLN A 194 -30.04 -3.68 6.57
CA GLN A 194 -29.43 -3.76 5.26
C GLN A 194 -28.43 -4.90 5.23
N TYR A 195 -28.57 -5.79 4.25
CA TYR A 195 -27.68 -6.91 4.02
C TYR A 195 -26.98 -6.75 2.69
N PRO A 196 -25.81 -7.38 2.52
CA PRO A 196 -25.14 -7.35 1.21
C PRO A 196 -26.06 -7.85 0.10
N GLU A 197 -25.83 -7.36 -1.12
CA GLU A 197 -26.67 -7.73 -2.24
C GLU A 197 -26.63 -9.24 -2.47
N GLY A 198 -27.79 -9.82 -2.75
CA GLY A 198 -27.90 -11.26 -2.86
C GLY A 198 -27.54 -11.93 -1.56
N TYR A 199 -28.31 -11.65 -0.51
CA TYR A 199 -28.13 -12.30 0.78
C TYR A 199 -29.46 -12.87 1.21
N LEU A 200 -30.52 -12.09 1.05
N PRO B 2 21.00 8.94 5.01
CA PRO B 2 19.55 8.81 4.83
C PRO B 2 19.14 9.07 3.39
N SER B 3 17.85 8.86 3.14
CA SER B 3 17.32 8.91 1.77
C SER B 3 17.63 10.23 1.08
N ASN B 4 17.60 11.34 1.80
CA ASN B 4 17.68 12.67 1.18
C ASN B 4 19.02 13.34 1.43
N HIS B 5 20.07 12.55 1.59
CA HIS B 5 21.41 13.08 1.79
C HIS B 5 21.97 13.61 0.47
N TYR B 6 22.48 14.84 0.48
CA TYR B 6 23.21 15.42 -0.65
C TYR B 6 24.70 15.25 -0.46
N GLY B 7 25.42 15.03 -1.57
CA GLY B 7 26.86 15.08 -1.57
C GLY B 7 27.50 13.71 -1.41
N PRO B 8 28.83 13.68 -1.29
CA PRO B 8 29.53 12.39 -1.17
C PRO B 8 29.16 11.65 0.11
N ILE B 9 29.33 10.34 0.05
CA ILE B 9 29.14 9.43 1.18
C ILE B 9 30.47 9.28 1.90
N PRO B 10 30.54 9.50 3.20
CA PRO B 10 31.81 9.31 3.92
C PRO B 10 32.37 7.90 3.69
N GLY B 11 33.68 7.84 3.46
CA GLY B 11 34.36 6.58 3.23
C GLY B 11 34.19 5.97 1.85
N ILE B 12 33.55 6.66 0.90
CA ILE B 12 33.32 6.11 -0.43
C ILE B 12 33.99 7.00 -1.47
N PRO B 13 35.23 6.72 -1.84
CA PRO B 13 35.94 7.55 -2.81
C PRO B 13 35.41 7.34 -4.23
N VAL B 14 35.66 8.36 -5.06
CA VAL B 14 35.61 8.19 -6.50
C VAL B 14 36.43 6.95 -6.87
N GLY B 15 35.89 6.15 -7.77
CA GLY B 15 36.51 4.91 -8.18
C GLY B 15 35.99 3.67 -7.50
N THR B 16 35.19 3.81 -6.44
CA THR B 16 34.61 2.65 -5.78
C THR B 16 33.74 1.88 -6.77
N MET B 17 33.80 0.55 -6.70
CA MET B 17 33.15 -0.32 -7.67
C MET B 17 32.30 -1.37 -6.97
N TRP B 18 31.06 -1.57 -7.45
CA TRP B 18 30.20 -2.64 -6.96
C TRP B 18 29.63 -3.45 -8.13
N ARG B 19 29.51 -4.76 -7.95
CA ARG B 19 29.03 -5.59 -9.04
C ARG B 19 27.54 -5.40 -9.31
N PHE B 20 26.72 -5.23 -8.26
CA PHE B 20 25.26 -5.24 -8.39
C PHE B 20 24.65 -3.99 -7.79
N ARG B 21 23.45 -3.64 -8.28
CA ARG B 21 22.80 -2.41 -7.86
C ARG B 21 22.39 -2.43 -6.38
N VAL B 22 22.08 -3.61 -5.83
CA VAL B 22 21.71 -3.66 -4.41
C VAL B 22 22.87 -3.18 -3.54
N GLN B 23 24.10 -3.56 -3.91
CA GLN B 23 25.28 -3.09 -3.17
C GLN B 23 25.43 -1.59 -3.30
N VAL B 24 25.20 -1.04 -4.50
CA VAL B 24 25.27 0.41 -4.67
C VAL B 24 24.25 1.09 -3.78
N SER B 25 23.08 0.45 -3.62
CA SER B 25 22.02 1.01 -2.79
C SER B 25 22.36 0.95 -1.31
N GLU B 26 22.85 -0.20 -0.84
CA GLU B 26 23.20 -0.34 0.57
C GLU B 26 24.28 0.64 0.99
N SER B 27 25.12 1.08 0.06
CA SER B 27 26.18 2.01 0.43
C SER B 27 25.66 3.43 0.60
N GLY B 28 24.42 3.70 0.19
CA GLY B 28 23.90 5.06 0.16
C GLY B 28 24.22 5.85 -1.10
N VAL B 29 25.05 5.33 -2.00
CA VAL B 29 25.49 6.14 -3.14
C VAL B 29 24.35 6.34 -4.13
N HIS B 30 23.64 5.27 -4.46
CA HIS B 30 22.43 5.37 -5.29
C HIS B 30 21.42 4.37 -4.78
N ARG B 31 20.44 4.84 -4.03
CA ARG B 31 19.54 3.99 -3.28
C ARG B 31 18.51 3.24 -4.13
N PRO B 32 17.92 3.81 -5.19
CA PRO B 32 16.99 3.02 -6.00
C PRO B 32 17.68 1.85 -6.69
N HIS B 33 17.11 0.65 -6.54
CA HIS B 33 17.70 -0.53 -7.18
C HIS B 33 17.56 -0.50 -8.69
N VAL B 34 16.51 0.12 -9.22
CA VAL B 34 16.19 0.06 -10.64
C VAL B 34 16.14 1.46 -11.25
N ALA B 35 15.41 2.37 -10.61
CA ALA B 35 15.30 3.73 -11.13
C ALA B 35 16.67 4.33 -11.34
N GLY B 36 16.82 5.04 -12.46
CA GLY B 36 18.12 5.63 -12.77
C GLY B 36 18.41 6.94 -12.08
N ILE B 37 17.45 7.48 -11.35
CA ILE B 37 17.63 8.74 -10.64
C ILE B 37 16.90 8.65 -9.30
N HIS B 38 17.48 9.26 -8.27
CA HIS B 38 16.88 9.36 -6.95
C HIS B 38 16.69 10.83 -6.64
N GLY B 39 15.44 11.23 -6.40
CA GLY B 39 15.18 12.61 -6.08
C GLY B 39 13.79 12.78 -5.50
N ARG B 40 13.57 13.90 -4.83
CA ARG B 40 12.26 14.31 -4.37
C ARG B 40 11.81 15.54 -5.14
N SER B 41 10.59 15.49 -5.68
CA SER B 41 10.16 16.46 -6.69
CA SER B 41 10.11 16.45 -6.67
C SER B 41 10.08 17.88 -6.13
N ASN B 42 9.98 18.06 -4.81
CA ASN B 42 9.98 19.40 -4.24
CA ASN B 42 9.97 19.39 -4.22
C ASN B 42 11.27 19.72 -3.49
N ASP B 43 12.31 18.90 -3.64
CA ASP B 43 13.57 19.13 -2.94
C ASP B 43 14.72 19.16 -3.96
N GLY B 44 15.11 18.00 -4.47
CA GLY B 44 16.20 17.92 -5.42
C GLY B 44 16.53 16.47 -5.72
N ALA B 45 17.53 16.29 -6.57
CA ALA B 45 18.03 14.96 -6.92
C ALA B 45 19.35 14.68 -6.21
N TYR B 46 19.49 13.48 -5.66
CA TYR B 46 20.67 13.13 -4.88
C TYR B 46 21.70 12.34 -5.67
N SER B 47 21.27 11.55 -6.65
CA SER B 47 22.15 10.67 -7.40
C SER B 47 21.49 10.23 -8.69
N LEU B 48 22.33 9.82 -9.66
CA LEU B 48 21.79 9.20 -10.86
C LEU B 48 22.79 8.18 -11.39
N VAL B 49 22.29 7.27 -12.23
CA VAL B 49 23.07 6.19 -12.81
C VAL B 49 23.03 6.32 -14.32
N LEU B 50 24.20 6.27 -14.94
CA LEU B 50 24.30 6.31 -16.39
C LEU B 50 24.44 4.87 -16.87
N ALA B 51 23.40 4.36 -17.51
CA ALA B 51 23.39 2.97 -17.95
C ALA B 51 22.96 2.88 -19.40
N GLY B 52 23.19 3.95 -20.16
CA GLY B 52 22.73 4.01 -21.55
C GLY B 52 21.23 4.17 -21.61
N GLY B 53 20.71 4.02 -22.81
CA GLY B 53 19.27 4.06 -22.93
C GLY B 53 18.74 5.14 -23.85
N TYR B 54 19.28 6.36 -23.77
CA TYR B 54 18.87 7.44 -24.68
CA TYR B 54 18.89 7.45 -24.66
C TYR B 54 20.02 7.72 -25.63
N GLU B 55 19.78 7.45 -26.92
CA GLU B 55 20.81 7.52 -27.95
C GLU B 55 21.41 8.92 -28.08
N ASP B 56 20.64 9.98 -27.88
CA ASP B 56 21.21 11.30 -28.10
C ASP B 56 22.02 11.80 -26.90
N ASP B 57 22.11 11.01 -25.85
CA ASP B 57 22.96 11.41 -24.74
C ASP B 57 24.42 11.28 -25.14
N VAL B 58 25.23 12.25 -24.74
CA VAL B 58 26.66 12.30 -25.05
C VAL B 58 27.43 12.41 -23.75
N ASP B 59 28.40 11.51 -23.57
CA ASP B 59 29.14 11.39 -22.31
C ASP B 59 30.61 11.70 -22.58
N HIS B 60 31.11 12.80 -22.01
CA HIS B 60 32.52 13.14 -22.13
C HIS B 60 33.24 13.06 -20.79
N GLY B 61 32.69 12.32 -19.84
CA GLY B 61 33.39 12.07 -18.61
C GLY B 61 33.25 13.22 -17.64
N ASN B 62 33.98 14.31 -17.90
CA ASN B 62 33.85 15.51 -17.06
C ASN B 62 32.50 16.20 -17.22
N PHE B 63 31.75 15.87 -18.25
CA PHE B 63 30.42 16.42 -18.44
C PHE B 63 29.66 15.51 -19.40
N PHE B 64 28.34 15.62 -19.35
CA PHE B 64 27.52 14.77 -20.20
C PHE B 64 26.14 15.40 -20.35
N THR B 65 25.50 15.09 -21.48
CA THR B 65 24.10 15.39 -21.63
C THR B 65 23.28 14.21 -21.15
N TYR B 66 22.06 14.52 -20.72
CA TYR B 66 21.24 13.59 -19.98
C TYR B 66 19.79 13.81 -20.41
N THR B 67 18.99 12.77 -20.32
CA THR B 67 17.56 12.84 -20.66
C THR B 67 16.73 12.36 -19.49
N GLY B 68 15.65 13.07 -19.21
CA GLY B 68 14.74 12.71 -18.13
C GLY B 68 13.88 11.51 -18.50
N SER B 69 12.87 11.28 -17.67
CA SER B 69 12.07 10.07 -17.79
C SER B 69 10.62 10.37 -18.17
N GLY B 70 10.00 9.35 -18.73
CA GLY B 70 8.58 9.39 -19.07
C GLY B 70 7.84 8.20 -18.47
N GLY B 71 7.31 7.35 -19.34
N GLU B 82 9.35 2.73 -27.16
CA GLU B 82 9.19 3.97 -27.90
C GLU B 82 8.30 4.95 -27.15
N GLN B 83 8.79 6.18 -27.00
CA GLN B 83 8.05 7.22 -26.29
C GLN B 83 6.73 7.52 -27.00
N SER B 84 5.64 7.60 -26.22
CA SER B 84 4.32 7.85 -26.79
C SER B 84 3.62 9.02 -26.11
N CYS B 85 4.36 9.84 -25.35
CA CYS B 85 3.78 10.88 -24.53
C CYS B 85 4.88 11.87 -24.18
N ASP B 86 4.57 13.17 -24.21
CA ASP B 86 5.55 14.17 -23.81
C ASP B 86 6.04 13.89 -22.40
N GLN B 87 7.31 14.18 -22.17
CA GLN B 87 7.83 14.27 -20.81
C GLN B 87 7.34 15.54 -20.12
N LYS B 88 7.35 15.51 -18.79
CA LYS B 88 6.92 16.64 -17.97
C LYS B 88 7.97 16.94 -16.92
N LEU B 89 8.02 18.20 -16.48
CA LEU B 89 8.96 18.59 -15.43
C LEU B 89 8.28 18.37 -14.07
N THR B 90 8.07 17.10 -13.77
CA THR B 90 7.50 16.65 -12.51
C THR B 90 8.37 15.53 -11.98
N ASN B 91 8.06 15.07 -10.77
CA ASN B 91 8.70 13.90 -10.15
C ASN B 91 10.21 14.05 -10.26
N THR B 92 10.96 13.05 -10.74
CA THR B 92 12.42 13.18 -10.68
C THR B 92 13.00 14.09 -11.77
N ASN B 93 12.29 14.27 -12.89
CA ASN B 93 12.67 15.32 -13.83
C ASN B 93 12.72 16.67 -13.14
N ARG B 94 11.70 16.96 -12.32
CA ARG B 94 11.65 18.23 -11.61
C ARG B 94 12.73 18.31 -10.55
N ALA B 95 12.96 17.20 -9.83
CA ALA B 95 14.01 17.20 -8.82
C ALA B 95 15.37 17.56 -9.40
N LEU B 96 15.71 17.00 -10.56
CA LEU B 96 17.01 17.29 -11.14
C LEU B 96 17.10 18.75 -11.57
N ALA B 97 16.01 19.29 -12.13
CA ALA B 97 15.99 20.71 -12.48
C ALA B 97 16.20 21.59 -11.25
N LEU B 98 15.66 21.17 -10.11
CA LEU B 98 15.79 21.98 -8.90
C LEU B 98 17.27 22.10 -8.48
N ASN B 99 18.10 21.11 -8.82
CA ASN B 99 19.51 21.21 -8.48
C ASN B 99 20.20 22.36 -9.20
N CYS B 100 19.67 22.77 -10.35
CA CYS B 100 20.26 23.85 -11.11
C CYS B 100 20.14 25.15 -10.33
N PHE B 101 21.23 25.93 -10.26
CA PHE B 101 21.21 27.17 -9.48
C PHE B 101 20.54 28.26 -10.31
N ALA B 102 19.23 28.09 -10.51
CA ALA B 102 18.42 29.03 -11.26
C ALA B 102 16.97 28.81 -10.85
N PRO B 103 16.12 29.83 -10.99
CA PRO B 103 14.68 29.62 -10.72
C PRO B 103 14.11 28.57 -11.65
N ILE B 104 13.26 27.71 -11.09
CA ILE B 104 12.63 26.65 -11.87
C ILE B 104 11.81 27.25 -12.99
N ASN B 105 11.93 26.67 -14.19
CA ASN B 105 11.19 27.15 -15.36
C ASN B 105 10.83 25.94 -16.19
N ASP B 106 9.54 25.60 -16.24
CA ASP B 106 9.09 24.43 -16.98
C ASP B 106 8.62 24.73 -18.40
N GLN B 107 8.94 25.92 -18.93
CA GLN B 107 8.60 26.28 -20.30
C GLN B 107 9.82 26.22 -21.23
N GLU B 108 10.85 27.01 -20.95
CA GLU B 108 12.08 27.00 -21.72
C GLU B 108 13.24 26.34 -21.02
N GLY B 109 13.05 25.85 -19.80
CA GLY B 109 14.17 25.40 -19.00
C GLY B 109 14.90 26.59 -18.39
N ALA B 110 16.12 26.34 -17.92
CA ALA B 110 16.91 27.40 -17.30
C ALA B 110 18.38 27.01 -17.37
N GLU B 111 19.24 28.00 -17.09
CA GLU B 111 20.69 27.80 -17.08
C GLU B 111 21.29 28.63 -15.95
N ALA B 112 22.20 28.03 -15.19
CA ALA B 112 22.84 28.68 -14.07
C ALA B 112 24.20 29.23 -14.51
N LYS B 113 24.37 30.56 -14.44
CA LYS B 113 25.71 31.12 -14.63
C LYS B 113 26.66 30.65 -13.53
N ASP B 114 26.19 30.63 -12.29
CA ASP B 114 26.97 30.14 -11.15
C ASP B 114 26.61 28.68 -10.88
N TRP B 115 26.95 27.83 -11.85
CA TRP B 115 26.49 26.44 -11.80
C TRP B 115 27.09 25.64 -10.64
N ARG B 116 28.28 26.00 -10.15
CA ARG B 116 28.86 25.27 -9.02
C ARG B 116 28.07 25.48 -7.73
N SER B 117 27.31 26.56 -7.62
CA SER B 117 26.48 26.77 -6.44
C SER B 117 25.25 25.87 -6.42
N GLY B 118 25.00 25.09 -7.47
CA GLY B 118 23.84 24.23 -7.49
C GLY B 118 24.00 23.05 -6.56
N LYS B 119 22.92 22.27 -6.42
CA LYS B 119 22.99 21.12 -5.52
C LYS B 119 23.76 19.97 -6.16
N PRO B 120 24.57 19.24 -5.39
CA PRO B 120 25.39 18.16 -5.97
C PRO B 120 24.57 16.93 -6.33
N VAL B 121 25.00 16.24 -7.38
CA VAL B 121 24.46 14.94 -7.78
C VAL B 121 25.58 13.92 -7.75
N ARG B 122 25.39 12.82 -7.00
CA ARG B 122 26.33 11.69 -7.09
C ARG B 122 26.07 10.94 -8.40
N VAL B 123 27.12 10.69 -9.19
CA VAL B 123 26.97 10.02 -10.48
C VAL B 123 27.66 8.66 -10.46
N VAL B 124 26.89 7.62 -10.81
CA VAL B 124 27.41 6.27 -10.99
C VAL B 124 27.34 5.93 -12.47
N ARG B 125 28.39 5.33 -13.00
CA ARG B 125 28.35 4.79 -14.36
C ARG B 125 28.26 3.27 -14.29
N ASN B 126 27.34 2.71 -15.07
CA ASN B 126 27.09 1.27 -15.10
C ASN B 126 27.56 0.69 -16.43
N VAL B 127 27.91 -0.59 -16.40
CA VAL B 127 28.53 -1.24 -17.57
C VAL B 127 27.66 -1.13 -18.82
N LYS B 128 26.33 -1.13 -18.65
CA LYS B 128 25.44 -1.07 -19.81
C LYS B 128 25.57 0.23 -20.58
N GLY B 129 26.14 1.26 -20.00
CA GLY B 129 26.41 2.46 -20.76
C GLY B 129 27.55 2.35 -21.74
N GLY B 130 28.26 1.21 -21.77
CA GLY B 130 29.44 1.11 -22.61
C GLY B 130 29.15 1.19 -24.09
N LYS B 131 27.96 0.77 -24.50
CA LYS B 131 27.60 0.85 -25.91
C LYS B 131 27.63 2.30 -26.40
N ASN B 132 27.29 3.27 -25.55
CA ASN B 132 27.19 4.67 -25.97
CA ASN B 132 27.18 4.67 -25.97
C ASN B 132 28.14 5.57 -25.21
N SER B 133 29.14 5.03 -24.52
CA SER B 133 30.10 5.86 -23.80
C SER B 133 31.40 5.11 -23.56
N LYS B 134 32.54 5.72 -23.90
CA LYS B 134 33.80 5.07 -23.56
C LYS B 134 34.18 5.25 -22.09
N TYR B 135 33.38 5.96 -21.30
CA TYR B 135 33.67 6.14 -19.87
C TYR B 135 32.98 5.13 -18.97
N ALA B 136 32.09 4.29 -19.50
CA ALA B 136 31.43 3.29 -18.67
C ALA B 136 32.46 2.25 -18.21
N PRO B 137 32.31 1.72 -16.99
CA PRO B 137 33.19 0.64 -16.55
C PRO B 137 32.97 -0.63 -17.37
N ALA B 138 33.96 -1.50 -17.35
CA ALA B 138 33.87 -2.76 -18.08
C ALA B 138 33.00 -3.79 -17.36
N GLU B 139 32.69 -3.57 -16.09
CA GLU B 139 31.94 -4.49 -15.25
C GLU B 139 31.26 -3.70 -14.15
N GLY B 140 30.00 -4.03 -13.86
CA GLY B 140 29.38 -3.51 -12.65
C GLY B 140 29.15 -2.00 -12.69
N ASN B 141 29.32 -1.38 -11.52
CA ASN B 141 28.95 0.02 -11.28
C ASN B 141 30.15 0.75 -10.68
N ARG B 142 30.37 1.99 -11.10
CA ARG B 142 31.49 2.78 -10.57
C ARG B 142 31.00 4.16 -10.16
N TYR B 143 31.35 4.59 -8.95
CA TYR B 143 31.05 5.95 -8.49
C TYR B 143 32.10 6.91 -9.05
N ASP B 144 31.65 7.89 -9.83
CA ASP B 144 32.56 8.79 -10.50
C ASP B 144 32.55 10.19 -9.92
N GLY B 145 31.78 10.44 -8.87
CA GLY B 145 31.90 11.67 -8.13
C GLY B 145 30.73 12.61 -8.34
N ILE B 146 30.95 13.87 -7.98
CA ILE B 146 29.92 14.91 -7.84
C ILE B 146 29.81 15.69 -9.15
N TYR B 147 28.57 15.86 -9.63
CA TYR B 147 28.30 16.66 -10.82
C TYR B 147 27.24 17.69 -10.45
N LYS B 148 27.14 18.74 -11.26
CA LYS B 148 26.20 19.83 -11.05
C LYS B 148 25.41 20.05 -12.32
N VAL B 149 24.13 20.46 -12.18
CA VAL B 149 23.30 20.74 -13.34
C VAL B 149 23.59 22.15 -13.85
N VAL B 150 24.21 22.25 -15.02
CA VAL B 150 24.47 23.56 -15.64
C VAL B 150 23.20 24.16 -16.22
N LYS B 151 22.42 23.35 -16.94
CA LYS B 151 21.25 23.84 -17.67
C LYS B 151 20.35 22.66 -17.99
N TYR B 152 19.11 22.97 -18.34
CA TYR B 152 18.12 21.96 -18.72
C TYR B 152 17.10 22.65 -19.61
N TRP B 153 16.53 21.89 -20.54
CA TRP B 153 15.67 22.46 -21.58
C TRP B 153 14.78 21.36 -22.13
N PRO B 154 13.59 21.69 -22.62
CA PRO B 154 12.81 20.74 -23.42
C PRO B 154 13.20 20.76 -24.89
N GLU B 155 13.04 19.60 -25.52
CA GLU B 155 13.16 19.55 -26.97
C GLU B 155 12.36 18.36 -27.49
N LYS B 156 12.10 18.39 -28.79
CA LYS B 156 11.44 17.28 -29.47
C LYS B 156 12.41 16.12 -29.62
N GLY B 157 12.08 14.97 -29.03
CA GLY B 157 12.85 13.77 -29.23
C GLY B 157 12.67 13.22 -30.63
N LYS B 158 13.29 12.06 -30.88
CA LYS B 158 13.16 11.41 -32.19
C LYS B 158 11.74 10.94 -32.44
N SER B 159 11.05 10.50 -31.38
CA SER B 159 9.64 10.11 -31.52
C SER B 159 8.75 11.27 -31.91
N GLY B 160 9.24 12.50 -31.79
CA GLY B 160 8.41 13.66 -31.99
C GLY B 160 7.72 14.18 -30.75
N PHE B 161 7.89 13.51 -29.62
CA PHE B 161 7.35 13.97 -28.34
C PHE B 161 8.44 14.71 -27.57
N LEU B 162 7.99 15.50 -26.59
CA LEU B 162 8.89 16.33 -25.81
C LEU B 162 9.70 15.48 -24.83
N VAL B 163 10.99 15.76 -24.76
CA VAL B 163 11.85 15.21 -23.71
C VAL B 163 12.51 16.36 -22.97
N TRP B 164 12.77 16.15 -21.68
CA TRP B 164 13.58 17.08 -20.91
C TRP B 164 15.04 16.63 -20.92
N ARG B 165 15.92 17.54 -21.28
CA ARG B 165 17.36 17.30 -21.38
C ARG B 165 18.09 18.08 -20.32
N TYR B 166 19.26 17.57 -19.91
CA TYR B 166 20.10 18.19 -18.89
C TYR B 166 21.56 18.17 -19.31
N LEU B 167 22.32 19.21 -18.91
CA LEU B 167 23.77 19.21 -19.01
C LEU B 167 24.34 19.13 -17.61
N LEU B 168 25.11 18.08 -17.35
CA LEU B 168 25.77 17.91 -16.06
C LEU B 168 27.27 18.03 -16.22
N ARG B 169 27.89 18.70 -15.25
CA ARG B 169 29.31 19.04 -15.29
C ARG B 169 29.96 18.66 -13.96
N ARG B 170 31.14 18.05 -14.03
CA ARG B 170 31.78 17.53 -12.84
C ARG B 170 32.31 18.67 -11.97
N ASP B 171 32.16 18.51 -10.64
CA ASP B 171 32.62 19.49 -9.65
C ASP B 171 33.14 18.67 -8.47
N ASP B 172 34.35 18.13 -8.63
CA ASP B 172 34.88 17.15 -7.68
C ASP B 172 36.39 17.22 -7.75
N ASP B 173 37.04 17.37 -6.59
CA ASP B 173 38.49 17.41 -6.47
C ASP B 173 39.14 16.04 -6.53
N GLU B 174 38.37 14.96 -6.44
CA GLU B 174 38.95 13.64 -6.62
C GLU B 174 39.09 13.36 -8.12
N PRO B 175 40.27 12.98 -8.59
CA PRO B 175 40.48 12.90 -10.04
C PRO B 175 39.64 11.79 -10.67
N GLY B 176 39.20 12.04 -11.90
CA GLY B 176 38.35 11.11 -12.62
C GLY B 176 39.03 9.79 -12.89
N PRO B 177 38.27 8.69 -12.80
CA PRO B 177 38.85 7.37 -13.12
C PRO B 177 39.43 7.26 -14.53
N TRP B 178 39.06 8.13 -15.46
CA TRP B 178 39.63 8.12 -16.82
C TRP B 178 40.93 8.87 -16.95
N THR B 179 41.49 9.41 -15.87
CA THR B 179 42.77 10.10 -15.93
C THR B 179 43.86 9.20 -15.40
N LYS B 180 45.10 9.42 -15.86
CA LYS B 180 46.21 8.68 -15.28
C LYS B 180 46.24 8.87 -13.77
N GLU B 181 46.16 10.12 -13.31
CA GLU B 181 46.24 10.37 -11.87
C GLU B 181 45.08 9.71 -11.14
N GLY B 182 43.91 9.66 -11.76
CA GLY B 182 42.77 9.02 -11.14
C GLY B 182 42.94 7.52 -11.00
N LYS B 183 43.40 6.86 -12.07
CA LYS B 183 43.73 5.44 -12.00
C LYS B 183 44.82 5.18 -10.98
N ASP B 184 45.86 6.01 -10.98
CA ASP B 184 46.97 5.76 -10.04
C ASP B 184 46.48 5.86 -8.60
N ARG B 185 45.59 6.83 -8.33
CA ARG B 185 45.10 6.98 -6.97
C ARG B 185 44.24 5.80 -6.57
N ILE B 186 43.40 5.32 -7.50
CA ILE B 186 42.55 4.17 -7.24
C ILE B 186 43.39 2.95 -6.88
N LYS B 187 44.54 2.79 -7.53
CA LYS B 187 45.43 1.68 -7.20
C LYS B 187 46.02 1.84 -5.81
N LYS B 188 46.48 3.04 -5.45
CA LYS B 188 47.11 3.21 -4.14
C LYS B 188 46.11 2.99 -3.01
N LEU B 189 44.85 3.37 -3.23
CA LEU B 189 43.79 3.14 -2.26
C LEU B 189 43.32 1.69 -2.21
N GLY B 190 43.76 0.86 -3.16
CA GLY B 190 43.44 -0.56 -3.10
C GLY B 190 41.99 -0.89 -3.43
N LEU B 191 41.34 -0.07 -4.25
CA LEU B 191 39.93 -0.28 -4.58
C LEU B 191 39.77 -1.48 -5.52
N THR B 192 38.82 -2.36 -5.20
CA THR B 192 38.55 -3.56 -5.99
C THR B 192 37.05 -3.72 -6.19
N MET B 193 36.66 -4.43 -7.25
CA MET B 193 35.26 -4.77 -7.46
C MET B 193 34.70 -5.46 -6.24
N GLN B 194 33.64 -4.89 -5.67
CA GLN B 194 32.99 -5.42 -4.49
C GLN B 194 31.86 -6.36 -4.91
N TYR B 195 31.96 -7.62 -4.47
CA TYR B 195 30.92 -8.60 -4.72
C TYR B 195 30.19 -8.95 -3.43
N PRO B 196 28.94 -9.40 -3.52
CA PRO B 196 28.22 -9.84 -2.31
C PRO B 196 28.98 -10.95 -1.58
N GLU B 197 28.70 -11.06 -0.28
CA GLU B 197 29.36 -12.05 0.56
C GLU B 197 29.22 -13.45 -0.03
N GLY B 198 30.33 -14.15 -0.16
CA GLY B 198 30.33 -15.49 -0.70
C GLY B 198 29.80 -15.60 -2.12
N TYR B 199 29.96 -14.55 -2.93
CA TYR B 199 29.47 -14.59 -4.30
C TYR B 199 30.41 -15.39 -5.21
N LEU B 200 31.70 -15.04 -5.20
CA LEU B 200 32.64 -15.76 -6.05
C LEU B 200 32.84 -17.20 -5.57
N GLU B 201 32.71 -17.43 -4.26
CA GLU B 201 32.79 -18.79 -3.74
C GLU B 201 31.62 -19.65 -4.22
N ALA B 202 30.44 -19.04 -4.36
CA ALA B 202 29.28 -19.78 -4.86
C ALA B 202 29.37 -20.01 -6.36
N LEU B 203 30.01 -19.10 -7.09
CA LEU B 203 30.23 -19.27 -8.53
C LEU B 203 31.44 -20.17 -8.79
N ALA B 204 32.49 -19.99 -7.98
CA ASN E 4 -0.47 -6.88 3.75
C ASN E 4 0.22 -8.22 4.02
N HIS E 5 -0.44 -9.07 4.81
CA HIS E 5 0.11 -10.37 5.17
C HIS E 5 0.21 -11.28 3.94
N TYR E 6 1.34 -11.96 3.81
CA TYR E 6 1.54 -12.96 2.78
C TYR E 6 1.38 -14.36 3.37
N GLY E 7 0.84 -15.27 2.56
CA GLY E 7 0.73 -16.66 2.95
C GLY E 7 -0.52 -16.96 3.75
N PRO E 8 -0.61 -18.18 4.28
CA PRO E 8 -1.85 -18.62 4.92
C PRO E 8 -2.17 -17.81 6.17
N ILE E 9 -3.41 -17.89 6.59
CA ILE E 9 -3.90 -17.21 7.79
C ILE E 9 -3.93 -18.22 8.93
N PRO E 10 -3.24 -17.96 10.04
CA PRO E 10 -3.20 -18.94 11.14
C PRO E 10 -4.59 -19.31 11.62
N GLY E 11 -4.79 -20.61 11.85
CA GLY E 11 -6.08 -21.10 12.30
C GLY E 11 -7.11 -21.26 11.20
N ILE E 12 -6.77 -20.91 9.97
CA ILE E 12 -7.65 -21.08 8.81
C ILE E 12 -6.99 -22.07 7.86
N PRO E 13 -7.23 -23.37 8.00
CA PRO E 13 -6.59 -24.34 7.12
C PRO E 13 -7.26 -24.41 5.75
N VAL E 14 -6.52 -24.99 4.81
CA VAL E 14 -7.07 -25.30 3.49
C VAL E 14 -8.34 -26.12 3.66
N GLY E 15 -9.35 -25.80 2.85
CA GLY E 15 -10.64 -26.45 2.95
C GLY E 15 -11.65 -25.71 3.81
N THR E 16 -11.23 -24.68 4.55
CA THR E 16 -12.20 -23.83 5.23
C THR E 16 -13.17 -23.24 4.22
N MET E 17 -14.43 -23.10 4.61
CA MET E 17 -15.51 -22.66 3.73
C MET E 17 -16.35 -21.59 4.40
N TRP E 18 -16.76 -20.60 3.60
CA TRP E 18 -17.65 -19.53 4.05
C TRP E 18 -18.78 -19.39 3.04
N ARG E 19 -19.99 -19.08 3.53
CA ARG E 19 -21.11 -18.96 2.61
C ARG E 19 -21.01 -17.69 1.76
N PHE E 20 -20.60 -16.57 2.36
CA PHE E 20 -20.63 -15.28 1.70
C PHE E 20 -19.26 -14.60 1.68
N ARG E 21 -19.04 -13.77 0.65
CA ARG E 21 -17.77 -13.08 0.51
C ARG E 21 -17.48 -12.15 1.67
N VAL E 22 -18.52 -11.64 2.33
CA VAL E 22 -18.28 -10.80 3.51
C VAL E 22 -17.58 -11.60 4.61
N GLN E 23 -17.86 -12.91 4.70
CA GLN E 23 -17.16 -13.76 5.67
C GLN E 23 -15.73 -14.01 5.25
N VAL E 24 -15.48 -14.19 3.94
CA VAL E 24 -14.12 -14.35 3.47
C VAL E 24 -13.28 -13.12 3.79
N SER E 25 -13.88 -11.94 3.62
CA SER E 25 -13.17 -10.69 3.92
C SER E 25 -12.82 -10.60 5.40
N GLU E 26 -13.79 -10.88 6.28
CA GLU E 26 -13.56 -10.75 7.71
C GLU E 26 -12.48 -11.71 8.21
N SER E 27 -12.35 -12.86 7.56
CA SER E 27 -11.36 -13.85 7.97
C SER E 27 -9.93 -13.44 7.63
N GLY E 28 -9.76 -12.50 6.70
CA GLY E 28 -8.45 -12.09 6.24
C GLY E 28 -7.89 -12.89 5.08
N VAL E 29 -8.57 -13.96 4.67
CA VAL E 29 -8.07 -14.78 3.58
C VAL E 29 -8.09 -14.02 2.27
N HIS E 30 -9.21 -13.37 1.97
CA HIS E 30 -9.31 -12.48 0.81
C HIS E 30 -10.06 -11.22 1.23
N ARG E 31 -9.29 -10.17 1.56
CA ARG E 31 -9.87 -8.97 2.16
C ARG E 31 -10.89 -8.25 1.28
N PRO E 32 -10.66 -7.99 0.00
CA PRO E 32 -11.64 -7.21 -0.77
C PRO E 32 -13.00 -7.90 -0.82
N HIS E 33 -14.04 -7.14 -0.48
CA HIS E 33 -15.38 -7.71 -0.42
C HIS E 33 -15.93 -8.01 -1.81
N VAL E 34 -15.62 -7.17 -2.78
CA VAL E 34 -16.12 -7.31 -4.15
C VAL E 34 -15.01 -7.69 -5.11
N ALA E 35 -13.88 -6.98 -5.06
CA ALA E 35 -12.83 -7.18 -6.05
C ALA E 35 -12.29 -8.60 -5.99
N GLY E 36 -11.92 -9.14 -7.15
CA GLY E 36 -11.49 -10.51 -7.27
C GLY E 36 -10.01 -10.76 -7.01
N ILE E 37 -9.22 -9.72 -6.80
CA ILE E 37 -7.80 -9.85 -6.54
C ILE E 37 -7.41 -8.77 -5.56
N HIS E 38 -6.44 -9.08 -4.70
CA HIS E 38 -5.98 -8.19 -3.64
C HIS E 38 -4.50 -7.94 -3.85
N GLY E 39 -4.14 -6.71 -4.19
CA GLY E 39 -2.74 -6.40 -4.41
C GLY E 39 -2.46 -4.91 -4.59
N ARG E 40 -1.23 -4.50 -4.27
CA ARG E 40 -0.79 -3.12 -4.45
C ARG E 40 0.31 -3.07 -5.51
N SER E 41 0.20 -2.09 -6.41
CA SER E 41 1.05 -2.06 -7.60
C SER E 41 2.54 -1.96 -7.27
N ASN E 42 2.87 -1.38 -6.11
CA ASN E 42 4.27 -1.22 -5.70
C ASN E 42 4.69 -2.26 -4.68
N ASP E 43 4.08 -3.44 -4.72
CA ASP E 43 4.37 -4.49 -3.74
C ASP E 43 4.17 -5.87 -4.35
N GLY E 44 2.93 -6.36 -4.34
CA GLY E 44 2.64 -7.69 -4.84
C GLY E 44 1.18 -8.01 -4.62
N ALA E 45 0.81 -9.23 -4.99
CA ALA E 45 -0.55 -9.72 -4.84
C ALA E 45 -0.62 -10.69 -3.66
N TYR E 46 -1.66 -10.57 -2.85
CA TYR E 46 -1.81 -11.39 -1.66
C TYR E 46 -2.85 -12.49 -1.80
N SER E 47 -3.87 -12.28 -2.62
CA SER E 47 -4.96 -13.24 -2.71
C SER E 47 -5.77 -12.95 -3.97
N LEU E 48 -6.44 -13.98 -4.46
CA LEU E 48 -7.40 -13.83 -5.55
C LEU E 48 -8.52 -14.83 -5.37
N VAL E 49 -9.65 -14.56 -6.01
CA VAL E 49 -10.81 -15.45 -6.01
C VAL E 49 -11.06 -15.91 -7.44
N LEU E 50 -11.26 -17.21 -7.61
CA LEU E 50 -11.70 -17.79 -8.89
C LEU E 50 -13.21 -17.96 -8.80
N ALA E 51 -13.94 -17.19 -9.61
CA ALA E 51 -15.39 -17.21 -9.61
C ALA E 51 -15.93 -17.18 -11.03
N GLY E 52 -15.17 -17.67 -12.00
CA GLY E 52 -15.56 -17.64 -13.39
C GLY E 52 -15.50 -16.23 -13.96
N GLY E 53 -16.09 -16.07 -15.15
CA GLY E 53 -16.22 -14.79 -15.79
C GLY E 53 -15.35 -14.60 -17.01
N TYR E 54 -14.28 -15.38 -17.15
CA TYR E 54 -13.42 -15.34 -18.32
C TYR E 54 -13.40 -16.74 -18.93
N GLU E 55 -14.01 -16.88 -20.11
CA GLU E 55 -14.17 -18.18 -20.75
C GLU E 55 -12.84 -18.80 -21.16
N ASP E 56 -11.80 -17.99 -21.41
CA ASP E 56 -10.51 -18.53 -21.80
C ASP E 56 -9.68 -19.03 -20.61
N ASP E 57 -10.14 -18.83 -19.37
CA ASP E 57 -9.42 -19.35 -18.23
C ASP E 57 -9.62 -20.86 -18.12
N VAL E 58 -8.56 -21.57 -17.75
CA VAL E 58 -8.60 -23.01 -17.51
C VAL E 58 -8.29 -23.26 -16.05
N ASP E 59 -9.06 -24.17 -15.42
CA ASP E 59 -8.84 -24.54 -14.01
C ASP E 59 -8.63 -26.04 -13.91
N HIS E 60 -7.38 -26.45 -13.65
CA HIS E 60 -7.04 -27.86 -13.45
C HIS E 60 -6.66 -28.16 -11.99
N GLY E 61 -7.07 -27.31 -11.06
CA GLY E 61 -6.75 -27.50 -9.65
C GLY E 61 -5.37 -26.99 -9.27
N ASN E 62 -4.35 -27.83 -9.44
CA ASN E 62 -2.99 -27.41 -9.13
C ASN E 62 -2.44 -26.44 -10.16
N PHE E 63 -2.96 -26.46 -11.38
CA PHE E 63 -2.60 -25.49 -12.42
C PHE E 63 -3.86 -24.76 -12.84
N PHE E 64 -3.81 -23.43 -12.86
CA PHE E 64 -4.88 -22.68 -13.49
C PHE E 64 -4.33 -21.42 -14.14
N THR E 65 -5.08 -20.89 -15.11
CA THR E 65 -4.76 -19.61 -15.72
C THR E 65 -5.75 -18.57 -15.24
N TYR E 66 -5.28 -17.32 -15.24
CA TYR E 66 -6.00 -16.21 -14.65
C TYR E 66 -5.85 -14.99 -15.55
N THR E 67 -6.93 -14.23 -15.69
CA THR E 67 -6.98 -13.08 -16.59
C THR E 67 -7.03 -11.79 -15.78
N GLY E 68 -6.19 -10.83 -16.15
CA GLY E 68 -6.14 -9.56 -15.46
C GLY E 68 -7.38 -8.71 -15.69
N SER E 69 -7.39 -7.55 -15.05
CA SER E 69 -8.55 -6.65 -15.10
C SER E 69 -8.32 -5.48 -16.07
N GLY E 70 -9.42 -4.85 -16.49
CA GLY E 70 -9.35 -3.75 -17.45
N CYS E 85 -10.48 -1.81 -25.77
CA CYS E 85 -9.58 -1.17 -24.81
C CYS E 85 -8.59 -2.17 -24.23
N ASP E 86 -7.30 -2.01 -24.56
CA ASP E 86 -6.27 -2.91 -24.08
C ASP E 86 -6.14 -2.85 -22.55
N GLN E 87 -5.43 -3.82 -22.00
CA GLN E 87 -5.13 -3.86 -20.59
C GLN E 87 -3.68 -3.44 -20.36
N LYS E 88 -3.41 -2.89 -19.16
CA LYS E 88 -2.08 -2.42 -18.80
C LYS E 88 -1.56 -3.23 -17.62
N LEU E 89 -0.23 -3.41 -17.58
CA LEU E 89 0.42 -4.06 -16.43
C LEU E 89 0.60 -3.00 -15.33
N THR E 90 -0.53 -2.58 -14.78
CA THR E 90 -0.58 -1.63 -13.69
C THR E 90 -1.59 -2.11 -12.66
N ASN E 91 -1.71 -1.37 -11.57
CA ASN E 91 -2.64 -1.70 -10.49
C ASN E 91 -2.48 -3.14 -10.02
N THR E 92 -3.56 -3.92 -10.04
CA THR E 92 -3.48 -5.28 -9.57
C THR E 92 -2.79 -6.21 -10.56
N ASN E 93 -2.81 -5.88 -11.85
CA ASN E 93 -2.10 -6.71 -12.83
C ASN E 93 -0.60 -6.68 -12.58
N ARG E 94 -0.05 -5.48 -12.37
CA ARG E 94 1.37 -5.35 -12.05
C ARG E 94 1.69 -6.03 -10.72
N ALA E 95 0.77 -5.95 -9.76
CA ALA E 95 0.99 -6.57 -8.46
C ALA E 95 1.15 -8.08 -8.59
N LEU E 96 0.28 -8.72 -9.36
CA LEU E 96 0.38 -10.17 -9.55
C LEU E 96 1.68 -10.54 -10.28
N ALA E 97 2.13 -9.69 -11.20
CA ALA E 97 3.40 -9.92 -11.88
C ALA E 97 4.57 -9.89 -10.90
N LEU E 98 4.52 -8.97 -9.93
CA LEU E 98 5.60 -8.86 -8.94
C LEU E 98 5.72 -10.09 -8.06
N ASN E 99 4.68 -10.93 -7.99
CA ASN E 99 4.80 -12.20 -7.29
C ASN E 99 5.68 -13.18 -8.05
N CYS E 100 5.79 -13.01 -9.36
CA CYS E 100 6.59 -13.91 -10.18
C CYS E 100 8.07 -13.72 -9.86
N PHE E 101 8.77 -14.82 -9.61
CA PHE E 101 10.18 -14.79 -9.25
C PHE E 101 11.05 -14.48 -10.45
N ALA E 102 10.73 -13.41 -11.16
CA ALA E 102 11.47 -12.95 -12.32
C ALA E 102 11.35 -11.44 -12.38
N PRO E 103 12.32 -10.75 -12.99
CA PRO E 103 12.21 -9.29 -13.11
C PRO E 103 10.97 -8.90 -13.91
N ILE E 104 10.41 -7.74 -13.56
CA ILE E 104 9.13 -7.31 -14.12
C ILE E 104 9.29 -6.94 -15.58
N ASN E 105 8.35 -7.39 -16.41
CA ASN E 105 8.40 -7.14 -17.85
C ASN E 105 6.96 -6.95 -18.33
N ASP E 106 6.69 -5.81 -18.97
CA ASP E 106 5.36 -5.50 -19.47
C ASP E 106 5.29 -5.53 -21.00
N GLN E 107 6.24 -6.22 -21.64
CA GLN E 107 6.33 -6.29 -23.08
C GLN E 107 6.02 -7.69 -23.60
N GLU E 108 6.83 -8.67 -23.23
CA GLU E 108 6.57 -10.07 -23.55
C GLU E 108 6.08 -10.88 -22.35
N GLY E 109 6.05 -10.27 -21.17
CA GLY E 109 5.78 -11.01 -19.94
C GLY E 109 7.05 -11.57 -19.34
N ALA E 110 6.89 -12.55 -18.46
CA ALA E 110 8.04 -13.15 -17.80
C ALA E 110 7.66 -14.52 -17.26
N GLU E 111 8.69 -15.29 -16.92
CA GLU E 111 8.53 -16.63 -16.39
C GLU E 111 9.64 -16.92 -15.40
N ALA E 112 9.28 -17.54 -14.28
CA ALA E 112 10.24 -17.87 -13.21
C ALA E 112 10.65 -19.34 -13.32
N LYS E 113 11.96 -19.59 -13.44
CA LYS E 113 12.47 -20.96 -13.42
C LYS E 113 12.36 -21.56 -12.03
N ASP E 114 12.79 -20.82 -11.01
CA ASP E 114 12.56 -21.20 -9.61
C ASP E 114 11.25 -20.58 -9.10
N TRP E 115 10.14 -20.97 -9.75
CA TRP E 115 8.85 -20.35 -9.45
C TRP E 115 8.43 -20.51 -8.00
N ARG E 116 9.02 -21.47 -7.26
CA ARG E 116 8.64 -21.69 -5.87
C ARG E 116 9.20 -20.61 -4.95
N SER E 117 10.26 -19.92 -5.37
CA SER E 117 10.79 -18.78 -4.62
C SER E 117 9.94 -17.52 -4.78
N GLY E 118 8.83 -17.59 -5.52
CA GLY E 118 7.97 -16.44 -5.72
C GLY E 118 7.17 -16.10 -4.48
N LYS E 119 6.40 -15.02 -4.59
CA LYS E 119 5.56 -14.60 -3.49
C LYS E 119 4.28 -15.45 -3.46
N PRO E 120 3.84 -15.88 -2.29
CA PRO E 120 2.64 -16.72 -2.21
C PRO E 120 1.36 -15.93 -2.49
N VAL E 121 0.38 -16.62 -3.06
CA VAL E 121 -0.95 -16.07 -3.33
C VAL E 121 -1.98 -16.98 -2.68
N ARG E 122 -2.76 -16.45 -1.74
CA ARG E 122 -3.89 -17.19 -1.19
C ARG E 122 -4.98 -17.28 -2.24
N VAL E 123 -5.43 -18.49 -2.57
CA VAL E 123 -6.43 -18.68 -3.60
C VAL E 123 -7.71 -19.19 -2.97
N VAL E 124 -8.82 -18.51 -3.27
CA VAL E 124 -10.17 -18.91 -2.88
C VAL E 124 -10.92 -19.26 -4.15
N ARG E 125 -11.64 -20.38 -4.13
CA ARG E 125 -12.56 -20.72 -5.20
C ARG E 125 -13.99 -20.48 -4.74
N ASN E 126 -14.78 -19.92 -5.64
CA ASN E 126 -16.19 -19.62 -5.38
C ASN E 126 -17.05 -20.51 -6.29
N VAL E 127 -18.29 -20.75 -5.83
CA VAL E 127 -19.19 -21.67 -6.50
C VAL E 127 -19.44 -21.26 -7.95
N LYS E 128 -19.39 -19.95 -8.24
CA LYS E 128 -19.66 -19.47 -9.59
C LYS E 128 -18.59 -19.90 -10.60
N GLY E 129 -17.46 -20.41 -10.14
CA GLY E 129 -16.49 -20.99 -11.05
C GLY E 129 -16.81 -22.40 -11.48
N GLY E 130 -17.97 -22.92 -11.07
CA GLY E 130 -18.31 -24.32 -11.29
C GLY E 130 -18.76 -24.67 -12.69
N LYS E 131 -19.17 -23.67 -13.48
CA LYS E 131 -19.60 -23.94 -14.84
C LYS E 131 -18.46 -24.57 -15.65
N ASN E 132 -17.25 -24.01 -15.55
CA ASN E 132 -16.12 -24.45 -16.36
C ASN E 132 -15.05 -25.18 -15.55
N SER E 133 -15.34 -25.57 -14.31
CA SER E 133 -14.32 -26.18 -13.46
C SER E 133 -14.99 -27.01 -12.37
N LYS E 134 -14.67 -28.31 -12.32
CA LYS E 134 -15.13 -29.20 -11.27
C LYS E 134 -14.40 -29.00 -9.94
N TYR E 135 -13.41 -28.09 -9.89
CA TYR E 135 -12.68 -27.80 -8.67
C TYR E 135 -13.39 -26.75 -7.82
N ALA E 136 -14.36 -26.05 -8.38
CA ALA E 136 -15.11 -25.07 -7.60
C ALA E 136 -15.96 -25.78 -6.56
N PRO E 137 -16.12 -25.18 -5.37
CA PRO E 137 -17.02 -25.77 -4.38
C PRO E 137 -18.46 -25.75 -4.87
N ALA E 138 -19.25 -26.67 -4.34
CA ALA E 138 -20.68 -26.74 -4.66
C ALA E 138 -21.48 -25.66 -3.97
N GLU E 139 -20.88 -24.92 -3.04
CA GLU E 139 -21.56 -23.86 -2.34
C GLU E 139 -20.53 -22.87 -1.81
N GLY E 140 -20.82 -21.58 -1.97
CA GLY E 140 -20.04 -20.56 -1.28
C GLY E 140 -18.61 -20.47 -1.74
N ASN E 141 -17.71 -20.31 -0.76
CA ASN E 141 -16.30 -20.00 -0.99
C ASN E 141 -15.43 -20.92 -0.16
N ARG E 142 -14.32 -21.36 -0.74
CA ARG E 142 -13.43 -22.32 -0.08
C ARG E 142 -11.98 -21.89 -0.25
N TYR E 143 -11.22 -21.91 0.84
CA TYR E 143 -9.80 -21.59 0.76
C TYR E 143 -9.03 -22.82 0.30
N ASP E 144 -8.30 -22.69 -0.81
CA ASP E 144 -7.65 -23.82 -1.45
C ASP E 144 -6.13 -23.80 -1.31
N GLY E 145 -5.57 -22.79 -0.68
CA GLY E 145 -4.17 -22.81 -0.31
C GLY E 145 -3.31 -21.85 -1.12
N ILE E 146 -2.01 -22.12 -1.09
CA ILE E 146 -0.98 -21.21 -1.57
C ILE E 146 -0.61 -21.59 -3.00
N TYR E 147 -0.72 -20.63 -3.91
CA TYR E 147 -0.29 -20.79 -5.29
C TYR E 147 0.83 -19.81 -5.59
N LYS E 148 1.60 -20.13 -6.63
CA LYS E 148 2.71 -19.30 -7.07
C LYS E 148 2.52 -18.92 -8.53
N VAL E 149 2.89 -17.71 -8.89
CA VAL E 149 2.84 -17.27 -10.28
C VAL E 149 4.03 -17.85 -11.03
N VAL E 150 3.77 -18.71 -12.02
CA VAL E 150 4.84 -19.32 -12.80
C VAL E 150 5.29 -18.37 -13.91
N LYS E 151 4.32 -17.82 -14.63
CA LYS E 151 4.60 -16.97 -15.79
C LYS E 151 3.39 -16.10 -16.05
N TYR E 152 3.59 -15.08 -16.89
CA TYR E 152 2.52 -14.19 -17.34
C TYR E 152 2.91 -13.64 -18.70
N TRP E 153 1.91 -13.27 -19.49
CA TRP E 153 2.13 -12.92 -20.89
C TRP E 153 0.93 -12.13 -21.39
N PRO E 154 1.10 -11.32 -22.46
CA PRO E 154 -0.06 -10.64 -23.07
C PRO E 154 -0.60 -11.39 -24.27
N GLU E 155 -1.90 -11.25 -24.55
CA GLU E 155 -2.50 -11.87 -25.71
C GLU E 155 -3.83 -11.20 -26.01
N LYS E 156 -4.28 -11.35 -27.25
CA LYS E 156 -5.55 -10.78 -27.71
C LYS E 156 -6.68 -11.71 -27.31
N GLY E 157 -7.54 -11.25 -26.40
CA GLY E 157 -8.57 -12.09 -25.81
C GLY E 157 -9.89 -12.03 -26.56
N LYS E 158 -10.95 -12.45 -25.87
CA LYS E 158 -12.27 -12.60 -26.47
C LYS E 158 -12.99 -11.26 -26.59
N SER E 159 -12.23 -10.16 -26.59
CA SER E 159 -12.77 -8.83 -26.79
C SER E 159 -11.97 -8.04 -27.84
N GLY E 160 -11.05 -8.69 -28.54
CA GLY E 160 -10.23 -8.04 -29.53
C GLY E 160 -9.03 -7.30 -28.97
N PHE E 161 -9.12 -6.82 -27.73
CA PHE E 161 -8.07 -6.05 -27.10
C PHE E 161 -7.15 -6.94 -26.26
N LEU E 162 -6.02 -6.38 -25.85
CA LEU E 162 -5.01 -7.13 -25.12
C LEU E 162 -5.41 -7.35 -23.67
N VAL E 163 -5.25 -8.58 -23.19
CA VAL E 163 -5.45 -8.92 -21.79
C VAL E 163 -4.15 -9.50 -21.25
N TRP E 164 -3.94 -9.31 -19.95
CA TRP E 164 -2.79 -9.88 -19.26
C TRP E 164 -3.21 -11.16 -18.56
N ARG E 165 -2.49 -12.26 -18.85
CA ARG E 165 -2.87 -13.59 -18.40
C ARG E 165 -1.74 -14.22 -17.61
N TYR E 166 -2.12 -15.06 -16.66
CA TYR E 166 -1.21 -15.58 -15.65
C TYR E 166 -1.41 -17.07 -15.49
N LEU E 167 -0.32 -17.81 -15.31
CA LEU E 167 -0.38 -19.22 -14.96
C LEU E 167 0.07 -19.37 -13.51
N LEU E 168 -0.80 -19.93 -12.67
CA LEU E 168 -0.51 -20.15 -11.27
C LEU E 168 -0.47 -21.64 -10.97
N ARG E 169 0.40 -22.01 -10.04
CA ARG E 169 0.62 -23.41 -9.70
C ARG E 169 0.64 -23.56 -8.18
N ARG E 170 0.00 -24.62 -7.69
CA ARG E 170 -0.11 -24.81 -6.25
C ARG E 170 1.26 -25.15 -5.65
N ASP E 171 1.51 -24.59 -4.47
CA ASP E 171 2.75 -24.86 -3.73
C ASP E 171 2.40 -24.84 -2.26
N ASP E 172 1.94 -25.99 -1.76
CA ASP E 172 1.38 -26.04 -0.41
C ASP E 172 1.44 -27.46 0.11
N ASP E 173 2.04 -27.64 1.30
CA ASP E 173 2.05 -28.96 1.93
C ASP E 173 0.66 -29.39 2.37
N GLU E 174 -0.22 -28.43 2.64
CA GLU E 174 -1.61 -28.76 2.92
C GLU E 174 -2.25 -29.32 1.67
N PRO E 175 -2.72 -30.57 1.69
CA PRO E 175 -3.29 -31.17 0.47
C PRO E 175 -4.50 -30.40 -0.03
N GLY E 176 -4.73 -30.48 -1.34
CA GLY E 176 -5.84 -29.80 -1.95
C GLY E 176 -7.17 -30.36 -1.48
N PRO E 177 -8.17 -29.48 -1.30
CA PRO E 177 -9.47 -29.93 -0.79
C PRO E 177 -10.11 -31.03 -1.62
N TRP E 178 -9.79 -31.13 -2.90
CA TRP E 178 -10.33 -32.16 -3.78
C TRP E 178 -9.56 -33.47 -3.74
N THR E 179 -8.43 -33.53 -3.02
CA THR E 179 -7.65 -34.76 -3.00
C THR E 179 -8.05 -35.64 -1.81
N LYS E 180 -7.60 -36.90 -1.87
CA LYS E 180 -7.92 -37.85 -0.82
C LYS E 180 -7.51 -37.32 0.56
N GLU E 181 -6.23 -36.92 0.68
CA GLU E 181 -5.75 -36.42 1.97
C GLU E 181 -6.37 -35.08 2.32
N GLY E 182 -6.79 -34.30 1.32
CA GLY E 182 -7.51 -33.08 1.60
C GLY E 182 -8.91 -33.33 2.13
N LYS E 183 -9.61 -34.30 1.55
CA LYS E 183 -10.96 -34.62 2.02
C LYS E 183 -10.92 -35.30 3.40
N ASP E 184 -9.89 -36.11 3.66
CA ASP E 184 -9.76 -36.74 4.97
C ASP E 184 -9.45 -35.71 6.05
N ARG E 185 -8.64 -34.70 5.73
CA ARG E 185 -8.34 -33.66 6.71
C ARG E 185 -9.55 -32.80 7.02
N ILE E 186 -10.41 -32.56 6.04
CA ILE E 186 -11.63 -31.79 6.29
C ILE E 186 -12.57 -32.54 7.22
N LYS E 187 -12.61 -33.87 7.11
CA LYS E 187 -13.46 -34.67 8.00
C LYS E 187 -12.87 -34.75 9.41
N LYS E 188 -11.55 -34.81 9.52
CA LYS E 188 -10.92 -34.91 10.84
C LYS E 188 -11.10 -33.60 11.62
N LEU E 189 -10.90 -32.46 10.95
CA LEU E 189 -11.05 -31.16 11.59
C LEU E 189 -12.52 -30.75 11.74
N GLY E 190 -13.44 -31.45 11.09
CA GLY E 190 -14.84 -31.08 11.17
C GLY E 190 -15.16 -29.74 10.51
N LEU E 191 -14.41 -29.37 9.48
CA LEU E 191 -14.62 -28.10 8.81
C LEU E 191 -15.88 -28.17 7.95
N THR E 192 -16.92 -27.45 8.36
CA THR E 192 -18.18 -27.37 7.64
C THR E 192 -18.38 -25.95 7.11
N MET E 193 -19.43 -25.77 6.32
CA MET E 193 -19.75 -24.46 5.76
C MET E 193 -20.07 -23.47 6.87
N GLN E 194 -19.43 -22.31 6.82
CA GLN E 194 -19.62 -21.26 7.81
C GLN E 194 -20.72 -20.31 7.34
N TYR E 195 -21.75 -20.15 8.16
CA TYR E 195 -22.81 -19.22 7.89
C TYR E 195 -22.82 -18.11 8.94
N PRO E 196 -23.16 -16.88 8.56
CA PRO E 196 -23.23 -15.80 9.54
C PRO E 196 -24.25 -16.10 10.63
N GLU E 197 -24.01 -15.53 11.81
CA GLU E 197 -24.94 -15.70 12.92
C GLU E 197 -26.33 -15.25 12.50
N GLY E 198 -27.33 -16.07 12.79
CA GLY E 198 -28.71 -15.77 12.47
C GLY E 198 -29.15 -16.16 11.08
N TYR E 199 -28.21 -16.35 10.14
CA TYR E 199 -28.59 -16.65 8.76
C TYR E 199 -29.37 -17.94 8.67
N LEU E 200 -28.91 -18.99 9.35
CA LEU E 200 -29.65 -20.25 9.36
C LEU E 200 -30.84 -20.13 10.30
N GLU E 201 -30.73 -19.25 11.29
N UNK F 1 10.52 2.55 -14.28
CA UNK F 1 11.01 1.54 -15.26
C UNK F 1 10.79 0.13 -14.69
N UNK F 2 10.99 -0.90 -15.52
CA UNK F 2 10.85 -2.31 -15.09
C UNK F 2 12.16 -3.06 -15.36
N UNK F 3 12.73 -3.71 -14.35
CA UNK F 3 14.07 -4.35 -14.44
C UNK F 3 14.13 -5.34 -15.62
N UNK F 4 13.06 -6.10 -15.87
CA UNK F 4 13.13 -7.24 -16.83
C UNK F 4 12.86 -6.76 -18.26
N UNK F 5 12.48 -5.50 -18.45
CA UNK F 5 12.15 -5.01 -19.82
C UNK F 5 13.45 -4.82 -20.62
N UNK F 6 13.55 -5.43 -21.79
CA UNK F 6 14.73 -5.24 -22.68
C UNK F 6 14.23 -4.96 -24.11
#